data_5F2E
#
_entry.id   5F2E
#
_cell.length_a   39.110
_cell.length_b   43.080
_cell.length_c   93.960
_cell.angle_alpha   90.000
_cell.angle_beta   90.000
_cell.angle_gamma   90.000
#
_symmetry.space_group_name_H-M   'P 21 21 21'
#
loop_
_entity.id
_entity.type
_entity.pdbx_description
1 polymer 'GTPase KRas'
2 non-polymer 'MAGNESIUM ION'
3 non-polymer GLYCEROL
4 non-polymer 1-[3-[4-[2-[[4-chloranyl-5-(1-methylcyclopropyl)-2-oxidanyl-phenyl]amino]ethanoyl]piperazin-1-yl]azetidin-1-yl]prop-2-en-1-one
5 non-polymer GLYCINE
6 non-polymer "GUANOSINE-5'-DIPHOSPHATE"
7 water water
#
_entity_poly.entity_id   1
_entity_poly.type   'polypeptide(L)'
_entity_poly.pdbx_seq_one_letter_code
;GMTEYKLVVVGACGVGKSALTIQLIQNHFVDEYDPTIEDSYRKQVVIDGETSLLDILDTAGQEEYSAMRDQYMRTGEGFL
LVFAINNTKSFEDIHHYREQIKRVKDSEDVPMVLVGNKSDLPSRTVDTKQAQDLARSYGIPFIETSAKTRQGVDDAFYTL
VREIRKHKEK
;
_entity_poly.pdbx_strand_id   A
#
# COMPACT_ATOMS: atom_id res chain seq x y z
N GLY A 1 17.56 17.56 -3.73
CA GLY A 1 17.80 17.01 -2.40
C GLY A 1 18.07 15.48 -2.39
N MET A 2 17.62 14.82 -1.32
CA MET A 2 17.74 13.33 -1.26
CA MET A 2 17.68 13.34 -1.14
C MET A 2 16.52 12.60 -1.87
N THR A 3 16.76 11.49 -2.51
N THR A 3 16.63 11.26 -2.11
CA THR A 3 15.75 10.76 -3.24
CA THR A 3 15.66 10.47 -3.00
C THR A 3 14.47 10.58 -2.36
C THR A 3 14.27 10.17 -2.43
N GLU A 4 13.29 10.80 -2.98
CA GLU A 4 12.01 10.66 -2.35
C GLU A 4 11.07 9.79 -3.13
N TYR A 5 10.31 8.96 -2.47
CA TYR A 5 9.28 8.15 -3.12
C TYR A 5 7.94 8.43 -2.48
N LYS A 6 6.89 8.75 -3.22
CA LYS A 6 5.60 8.88 -2.69
C LYS A 6 4.82 7.59 -2.86
N LEU A 7 4.53 6.99 -1.73
CA LEU A 7 3.85 5.68 -1.65
C LEU A 7 2.47 5.85 -1.11
N VAL A 8 1.46 5.42 -1.76
CA VAL A 8 0.04 5.61 -1.36
C VAL A 8 -0.56 4.30 -0.96
N VAL A 9 -1.13 4.26 0.22
CA VAL A 9 -1.69 3.06 0.84
C VAL A 9 -3.19 3.09 0.63
N VAL A 10 -3.71 2.09 -0.08
CA VAL A 10 -5.11 2.06 -0.49
C VAL A 10 -5.74 0.78 -0.09
N GLY A 11 -7.07 0.78 -0.09
CA GLY A 11 -7.85 -0.43 0.20
C GLY A 11 -9.00 -0.16 1.10
N ALA A 12 -9.87 -1.16 1.29
CA ALA A 12 -11.11 -0.90 2.04
C ALA A 12 -10.90 -0.44 3.46
N CYS A 13 -11.95 0.20 3.99
CA CYS A 13 -12.00 0.49 5.39
C CYS A 13 -11.68 -0.74 6.21
N GLY A 14 -10.81 -0.55 7.19
CA GLY A 14 -10.63 -1.55 8.19
C GLY A 14 -9.57 -2.55 7.87
N VAL A 15 -8.93 -2.50 6.70
CA VAL A 15 -7.96 -3.50 6.32
C VAL A 15 -6.63 -3.39 7.04
N GLY A 16 -6.37 -2.23 7.65
CA GLY A 16 -5.11 -1.98 8.34
C GLY A 16 -4.16 -1.02 7.68
N LYS A 17 -4.64 -0.16 6.80
CA LYS A 17 -3.82 0.85 6.13
C LYS A 17 -3.10 1.74 7.16
N SER A 18 -3.87 2.28 8.10
CA SER A 18 -3.27 3.21 9.10
C SER A 18 -2.30 2.47 9.97
N ALA A 19 -2.65 1.25 10.37
CA ALA A 19 -1.77 0.47 11.23
C ALA A 19 -0.50 0.11 10.49
N LEU A 20 -0.57 -0.22 9.21
CA LEU A 20 0.64 -0.53 8.42
C LEU A 20 1.51 0.70 8.32
N THR A 21 0.87 1.86 8.08
CA THR A 21 1.61 3.15 7.95
C THR A 21 2.33 3.45 9.25
N ILE A 22 1.65 3.36 10.37
CA ILE A 22 2.28 3.73 11.64
C ILE A 22 3.31 2.68 12.07
N GLN A 23 3.14 1.41 11.73
CA GLN A 23 4.18 0.47 11.98
C GLN A 23 5.41 0.76 11.18
N LEU A 24 5.26 1.09 9.93
CA LEU A 24 6.45 1.44 9.12
C LEU A 24 7.12 2.65 9.76
N ILE A 25 6.38 3.69 10.06
CA ILE A 25 6.95 4.94 10.47
C ILE A 25 7.58 4.85 11.80
N GLN A 26 6.89 4.28 12.79
CA GLN A 26 7.43 4.28 14.11
C GLN A 26 7.39 3.03 14.96
N ASN A 27 7.25 1.93 14.25
CA ASN A 27 7.54 0.61 14.84
C ASN A 27 6.62 0.25 16.03
N HIS A 28 5.40 0.74 16.02
CA HIS A 28 4.41 0.43 17.02
C HIS A 28 3.08 0.15 16.32
N PHE A 29 2.31 -0.73 16.91
CA PHE A 29 0.98 -1.04 16.45
C PHE A 29 -0.08 -0.17 17.10
N VAL A 30 -0.87 0.47 16.24
CA VAL A 30 -1.98 1.32 16.69
CA VAL A 30 -2.00 1.30 16.67
C VAL A 30 -3.28 0.51 16.62
N ASP A 31 -3.93 0.38 17.72
CA ASP A 31 -5.20 -0.32 17.84
C ASP A 31 -6.32 0.42 17.26
N GLU A 32 -6.32 1.76 17.43
CA GLU A 32 -7.49 2.54 17.05
C GLU A 32 -6.98 3.83 16.37
N TYR A 33 -7.34 4.05 15.11
CA TYR A 33 -6.91 5.19 14.31
C TYR A 33 -8.12 5.66 13.52
N ASP A 34 -8.47 6.91 13.66
CA ASP A 34 -9.75 7.43 13.06
C ASP A 34 -9.76 7.14 11.59
N PRO A 35 -10.81 6.46 11.07
CA PRO A 35 -10.87 6.08 9.66
C PRO A 35 -11.17 7.24 8.76
N THR A 36 -11.38 8.42 9.29
CA THR A 36 -11.51 9.62 8.44
C THR A 36 -10.29 10.45 8.28
N ILE A 37 -9.24 10.12 9.02
CA ILE A 37 -8.02 10.89 8.99
CA ILE A 37 -8.02 10.90 9.00
C ILE A 37 -7.07 10.31 7.94
N GLU A 38 -6.82 11.13 6.92
CA GLU A 38 -5.87 10.86 5.88
C GLU A 38 -4.69 11.79 6.14
N ASP A 39 -3.57 11.24 6.41
CA ASP A 39 -2.33 11.98 6.73
CA ASP A 39 -2.38 12.00 6.68
C ASP A 39 -1.18 11.35 5.92
N SER A 40 -0.16 12.14 5.72
CA SER A 40 1.04 11.59 5.21
C SER A 40 2.14 11.72 6.23
N TYR A 41 3.10 10.82 6.14
CA TYR A 41 4.26 10.72 7.02
C TYR A 41 5.47 10.38 6.19
N ARG A 42 6.59 11.01 6.59
CA ARG A 42 7.83 10.85 5.89
C ARG A 42 8.84 10.16 6.78
N LYS A 43 9.57 9.18 6.21
CA LYS A 43 10.56 8.40 6.92
C LYS A 43 11.84 8.29 6.12
N GLN A 44 12.97 8.51 6.72
CA GLN A 44 14.27 8.21 6.13
C GLN A 44 14.53 6.72 6.27
N VAL A 45 14.92 6.08 5.19
CA VAL A 45 15.30 4.68 5.13
C VAL A 45 16.50 4.50 4.30
N VAL A 46 17.07 3.32 4.33
CA VAL A 46 18.17 2.90 3.45
C VAL A 46 17.73 1.59 2.80
N ILE A 47 17.60 1.60 1.49
CA ILE A 47 17.10 0.41 0.76
C ILE A 47 18.15 0.11 -0.34
N ASP A 48 18.80 -1.06 -0.23
CA ASP A 48 19.84 -1.50 -1.15
C ASP A 48 20.96 -0.47 -1.28
N GLY A 49 21.34 0.11 -0.13
CA GLY A 49 22.37 1.11 0.00
C GLY A 49 22.05 2.52 -0.35
N GLU A 50 20.81 2.78 -0.77
CA GLU A 50 20.38 4.11 -1.26
CA GLU A 50 20.41 4.07 -1.20
C GLU A 50 19.55 4.70 -0.13
N THR A 51 20.00 5.81 0.45
CA THR A 51 19.20 6.57 1.40
C THR A 51 18.08 7.25 0.68
N SER A 52 16.89 7.16 1.25
CA SER A 52 15.83 7.95 0.73
CA SER A 52 15.67 7.71 0.63
C SER A 52 14.77 8.26 1.71
N LEU A 53 13.86 9.11 1.27
CA LEU A 53 12.69 9.49 2.08
CA LEU A 53 12.72 9.54 2.07
C LEU A 53 11.45 8.89 1.52
N LEU A 54 10.73 8.13 2.30
CA LEU A 54 9.45 7.59 1.88
C LEU A 54 8.39 8.51 2.33
N ASP A 55 7.57 9.02 1.46
CA ASP A 55 6.39 9.85 1.85
C ASP A 55 5.19 8.95 1.72
N ILE A 56 4.67 8.53 2.84
CA ILE A 56 3.58 7.55 2.87
C ILE A 56 2.24 8.25 3.07
N LEU A 57 1.35 8.15 2.06
CA LEU A 57 -0.02 8.71 2.18
C LEU A 57 -0.98 7.60 2.57
N ASP A 58 -1.54 7.77 3.75
CA ASP A 58 -2.51 6.80 4.29
C ASP A 58 -3.88 7.22 3.92
N THR A 59 -4.42 6.70 2.83
CA THR A 59 -5.71 7.17 2.36
C THR A 59 -6.87 6.84 3.26
N ALA A 60 -7.85 7.70 3.29
CA ALA A 60 -8.97 7.50 4.22
C ALA A 60 -10.17 8.22 3.75
N GLY A 61 -11.19 8.21 4.59
CA GLY A 61 -12.39 9.01 4.36
C GLY A 61 -13.35 8.53 3.33
N GLN A 62 -14.00 9.47 2.68
CA GLN A 62 -15.14 9.11 1.85
C GLN A 62 -14.67 8.74 0.51
N GLU A 63 -15.44 7.85 -0.15
CA GLU A 63 -14.99 7.34 -1.42
C GLU A 63 -15.55 8.28 -2.50
N GLU A 64 -14.91 9.48 -2.72
CA GLU A 64 -15.45 10.50 -3.76
C GLU A 64 -14.43 10.71 -4.93
N TYR A 65 -14.80 10.41 -6.18
N TYR A 65 -14.78 10.28 -6.13
CA TYR A 65 -13.86 10.35 -7.35
CA TYR A 65 -13.90 10.41 -7.25
C TYR A 65 -13.95 11.50 -8.34
C TYR A 65 -14.30 11.73 -7.85
N SER A 66 -13.30 12.60 -8.01
CA SER A 66 -13.53 13.86 -8.67
C SER A 66 -12.26 14.15 -9.41
N ALA A 67 -12.31 15.15 -10.27
CA ALA A 67 -11.14 15.51 -11.09
C ALA A 67 -9.97 15.93 -10.25
N MET A 68 -10.23 16.74 -9.24
CA MET A 68 -9.15 17.23 -8.38
C MET A 68 -8.55 16.13 -7.55
N ARG A 69 -9.37 15.26 -7.00
CA ARG A 69 -8.89 14.14 -6.19
C ARG A 69 -8.11 13.18 -7.06
N ASP A 70 -8.61 12.91 -8.27
CA ASP A 70 -7.85 12.07 -9.22
C ASP A 70 -6.42 12.67 -9.49
N GLN A 71 -6.36 13.97 -9.73
CA GLN A 71 -5.12 14.58 -10.01
C GLN A 71 -4.19 14.52 -8.81
N TYR A 72 -4.73 14.63 -7.62
CA TYR A 72 -3.91 14.46 -6.39
C TYR A 72 -3.37 13.06 -6.30
N MET A 73 -4.22 12.04 -6.50
CA MET A 73 -3.77 10.66 -6.45
C MET A 73 -2.71 10.35 -7.51
N ARG A 74 -2.75 11.05 -8.63
CA ARG A 74 -1.83 10.88 -9.68
C ARG A 74 -0.42 11.22 -9.23
N THR A 75 -0.25 12.02 -8.17
CA THR A 75 1.09 12.29 -7.64
C THR A 75 1.72 11.10 -6.94
N GLY A 76 0.94 10.09 -6.61
CA GLY A 76 1.60 8.87 -6.09
C GLY A 76 2.43 8.16 -7.09
N GLU A 77 3.58 7.69 -6.64
N GLU A 77 3.59 7.70 -6.66
CA GLU A 77 4.53 6.98 -7.49
CA GLU A 77 4.52 6.99 -7.51
C GLU A 77 4.38 5.47 -7.42
C GLU A 77 4.36 5.47 -7.42
N GLY A 78 3.92 4.96 -6.28
CA GLY A 78 3.61 3.58 -6.11
C GLY A 78 2.48 3.44 -5.17
N PHE A 79 1.76 2.34 -5.29
CA PHE A 79 0.53 2.10 -4.53
C PHE A 79 0.59 0.71 -3.87
N LEU A 80 0.26 0.70 -2.56
CA LEU A 80 0.06 -0.55 -1.82
C LEU A 80 -1.42 -0.84 -1.91
N LEU A 81 -1.79 -1.98 -2.48
CA LEU A 81 -3.18 -2.42 -2.57
C LEU A 81 -3.40 -3.35 -1.45
N VAL A 82 -4.09 -2.87 -0.39
CA VAL A 82 -4.16 -3.65 0.81
C VAL A 82 -5.56 -4.24 0.98
N PHE A 83 -5.62 -5.54 1.28
CA PHE A 83 -6.85 -6.17 1.75
C PHE A 83 -6.51 -6.91 3.07
N ALA A 84 -7.53 -7.36 3.76
CA ALA A 84 -7.32 -8.15 4.96
C ALA A 84 -7.65 -9.63 4.69
N ILE A 85 -6.80 -10.51 5.18
CA ILE A 85 -6.93 -11.93 4.84
C ILE A 85 -8.21 -12.55 5.48
N ASN A 86 -8.89 -11.84 6.37
CA ASN A 86 -10.13 -12.32 6.94
C ASN A 86 -11.31 -11.63 6.39
N ASN A 87 -11.19 -10.90 5.28
CA ASN A 87 -12.28 -10.07 4.75
C ASN A 87 -12.32 -10.23 3.24
N THR A 88 -13.17 -11.17 2.75
CA THR A 88 -13.27 -11.45 1.30
C THR A 88 -13.74 -10.24 0.52
N LYS A 89 -14.60 -9.42 1.11
CA LYS A 89 -15.05 -8.23 0.35
C LYS A 89 -13.89 -7.28 0.06
N SER A 90 -13.02 -7.17 1.03
CA SER A 90 -11.85 -6.30 0.85
C SER A 90 -10.93 -6.84 -0.29
N PHE A 91 -10.88 -8.15 -0.47
CA PHE A 91 -10.14 -8.71 -1.59
C PHE A 91 -10.87 -8.47 -2.90
N GLU A 92 -12.19 -8.63 -2.89
CA GLU A 92 -12.99 -8.34 -4.07
C GLU A 92 -12.84 -6.91 -4.48
N ASP A 93 -12.64 -5.98 -3.54
CA ASP A 93 -12.52 -4.57 -3.86
C ASP A 93 -11.23 -4.21 -4.60
N ILE A 94 -10.21 -5.07 -4.46
CA ILE A 94 -8.85 -4.71 -4.89
C ILE A 94 -8.85 -4.31 -6.38
N HIS A 95 -9.50 -5.07 -7.25
CA HIS A 95 -9.46 -4.74 -8.64
C HIS A 95 -10.02 -3.32 -8.90
N HIS A 96 -11.04 -2.90 -8.17
CA HIS A 96 -11.56 -1.55 -8.33
CA HIS A 96 -11.58 -1.58 -8.32
C HIS A 96 -10.55 -0.50 -7.99
N TYR A 97 -9.84 -0.67 -6.89
CA TYR A 97 -8.78 0.27 -6.55
C TYR A 97 -7.71 0.30 -7.64
N ARG A 98 -7.28 -0.85 -8.10
CA ARG A 98 -6.27 -0.93 -9.11
C ARG A 98 -6.72 -0.21 -10.39
N GLU A 99 -7.96 -0.43 -10.83
CA GLU A 99 -8.39 0.13 -12.09
CA GLU A 99 -8.47 0.15 -12.07
C GLU A 99 -8.44 1.67 -11.97
N GLN A 100 -8.90 2.19 -10.84
CA GLN A 100 -8.91 3.66 -10.65
C GLN A 100 -7.52 4.28 -10.67
N ILE A 101 -6.57 3.61 -10.06
CA ILE A 101 -5.19 4.07 -10.07
C ILE A 101 -4.62 4.10 -11.52
N LYS A 102 -4.81 3.02 -12.26
CA LYS A 102 -4.38 2.99 -13.65
C LYS A 102 -4.99 4.11 -14.43
N ARG A 103 -6.26 4.37 -14.22
CA ARG A 103 -6.97 5.47 -14.92
C ARG A 103 -6.35 6.79 -14.61
N VAL A 104 -6.12 7.07 -13.33
CA VAL A 104 -5.67 8.44 -13.02
C VAL A 104 -4.22 8.66 -13.48
N LYS A 105 -3.44 7.57 -13.53
CA LYS A 105 -2.03 7.60 -13.91
C LYS A 105 -1.87 7.49 -15.39
N ASP A 106 -2.96 7.22 -16.14
CA ASP A 106 -2.92 7.03 -17.58
C ASP A 106 -1.87 5.98 -17.97
N SER A 107 -1.81 4.93 -17.18
CA SER A 107 -0.80 3.91 -17.38
C SER A 107 -1.30 2.56 -16.94
N GLU A 108 -0.95 1.48 -17.70
CA GLU A 108 -1.14 0.13 -17.25
C GLU A 108 0.05 -0.48 -16.53
N ASP A 109 1.06 0.34 -16.35
N ASP A 109 1.06 0.33 -16.23
CA ASP A 109 2.37 -0.01 -15.82
CA ASP A 109 2.41 -0.09 -15.72
C ASP A 109 2.56 0.98 -14.71
C ASP A 109 2.76 0.50 -14.39
N VAL A 110 1.79 0.84 -13.62
CA VAL A 110 2.01 1.65 -12.43
C VAL A 110 2.60 0.76 -11.35
N PRO A 111 3.64 1.24 -10.63
CA PRO A 111 4.20 0.42 -9.52
C PRO A 111 3.13 0.16 -8.46
N MET A 112 2.89 -1.12 -8.16
CA MET A 112 1.96 -1.55 -7.16
C MET A 112 2.48 -2.83 -6.52
N VAL A 113 2.06 -3.02 -5.28
CA VAL A 113 2.25 -4.28 -4.53
C VAL A 113 0.94 -4.70 -3.92
N LEU A 114 0.55 -5.94 -4.02
CA LEU A 114 -0.64 -6.46 -3.36
C LEU A 114 -0.29 -6.91 -1.93
N VAL A 115 -1.02 -6.45 -0.94
CA VAL A 115 -0.74 -6.76 0.46
C VAL A 115 -1.94 -7.41 1.09
N GLY A 116 -1.74 -8.61 1.61
CA GLY A 116 -2.72 -9.31 2.44
C GLY A 116 -2.39 -9.11 3.90
N ASN A 117 -3.09 -8.22 4.61
CA ASN A 117 -2.79 -7.88 5.99
C ASN A 117 -3.55 -8.71 6.97
N LYS A 118 -3.16 -8.63 8.24
CA LYS A 118 -3.74 -9.35 9.40
C LYS A 118 -3.39 -10.81 9.37
N SER A 119 -2.16 -11.12 8.96
CA SER A 119 -1.75 -12.51 8.86
C SER A 119 -1.65 -13.18 10.21
N ASP A 120 -1.65 -12.43 11.30
CA ASP A 120 -1.63 -13.00 12.67
C ASP A 120 -2.98 -13.56 13.11
N LEU A 121 -4.06 -13.32 12.42
CA LEU A 121 -5.38 -13.76 12.87
C LEU A 121 -5.61 -15.21 12.67
N PRO A 122 -6.55 -15.76 13.46
CA PRO A 122 -7.04 -17.17 13.24
C PRO A 122 -8.16 -17.34 12.13
N SER A 123 -8.52 -16.28 11.43
N SER A 123 -8.68 -16.22 11.69
CA SER A 123 -9.81 -16.25 10.74
CA SER A 123 -9.72 -16.23 10.72
C SER A 123 -9.66 -16.08 9.23
C SER A 123 -8.71 -15.93 9.66
N ARG A 124 -8.67 -16.75 8.63
CA ARG A 124 -8.47 -16.37 7.26
C ARG A 124 -9.68 -16.88 6.45
N THR A 125 -10.09 -16.03 5.50
CA THR A 125 -11.03 -16.39 4.51
C THR A 125 -10.58 -16.17 3.10
N VAL A 126 -9.45 -15.51 2.86
CA VAL A 126 -8.85 -15.38 1.57
C VAL A 126 -7.63 -16.28 1.49
N ASP A 127 -7.62 -17.23 0.58
CA ASP A 127 -6.49 -18.16 0.47
C ASP A 127 -5.28 -17.44 -0.13
N THR A 128 -4.10 -17.71 0.40
CA THR A 128 -2.87 -17.20 -0.15
C THR A 128 -2.77 -17.49 -1.63
N LYS A 129 -3.09 -18.66 -2.07
N LYS A 129 -3.10 -18.67 -2.10
CA LYS A 129 -3.01 -19.02 -3.45
CA LYS A 129 -2.99 -19.00 -3.53
C LYS A 129 -3.80 -18.03 -4.34
C LYS A 129 -3.80 -18.01 -4.36
N GLN A 130 -5.03 -17.72 -3.91
CA GLN A 130 -5.87 -16.82 -4.73
C GLN A 130 -5.21 -15.46 -4.87
N ALA A 131 -4.63 -14.93 -3.78
CA ALA A 131 -3.99 -13.61 -3.82
C ALA A 131 -2.69 -13.65 -4.62
N GLN A 132 -1.89 -14.70 -4.47
CA GLN A 132 -0.69 -14.84 -5.25
C GLN A 132 -1.04 -14.89 -6.75
N ASP A 133 -2.10 -15.65 -7.07
CA ASP A 133 -2.45 -15.82 -8.48
C ASP A 133 -2.95 -14.49 -9.05
N LEU A 134 -3.71 -13.73 -8.28
CA LEU A 134 -4.17 -12.40 -8.74
C LEU A 134 -2.96 -11.54 -8.98
N ALA A 135 -2.08 -11.42 -8.03
CA ALA A 135 -0.92 -10.57 -8.16
C ALA A 135 -0.10 -10.99 -9.40
N ARG A 136 0.06 -12.27 -9.63
CA ARG A 136 0.79 -12.74 -10.78
C ARG A 136 0.12 -12.29 -12.05
N SER A 137 -1.21 -12.38 -12.09
CA SER A 137 -1.88 -11.89 -13.30
C SER A 137 -1.65 -10.41 -13.54
N TYR A 138 -1.56 -9.62 -12.48
CA TYR A 138 -1.27 -8.20 -12.58
C TYR A 138 0.19 -7.89 -12.87
N GLY A 139 1.07 -8.86 -12.70
CA GLY A 139 2.47 -8.63 -12.84
C GLY A 139 3.05 -7.86 -11.69
N ILE A 140 2.50 -8.01 -10.49
CA ILE A 140 3.04 -7.29 -9.34
C ILE A 140 3.34 -8.22 -8.19
N PRO A 141 4.18 -7.81 -7.24
CA PRO A 141 4.44 -8.64 -6.08
C PRO A 141 3.24 -8.73 -5.11
N PHE A 142 3.21 -9.87 -4.41
CA PHE A 142 2.31 -10.11 -3.28
C PHE A 142 3.09 -10.35 -2.02
N ILE A 143 2.73 -9.61 -0.97
N ILE A 143 2.63 -9.76 -0.91
CA ILE A 143 3.29 -9.72 0.39
CA ILE A 143 3.31 -9.83 0.39
C ILE A 143 2.11 -9.97 1.38
C ILE A 143 2.21 -9.87 1.45
N GLU A 144 2.30 -10.83 2.37
CA GLU A 144 1.41 -10.87 3.48
C GLU A 144 2.06 -10.18 4.65
N THR A 145 1.26 -9.39 5.39
CA THR A 145 1.72 -8.60 6.49
C THR A 145 0.93 -8.86 7.73
N SER A 146 1.51 -8.50 8.86
CA SER A 146 0.76 -8.25 10.09
C SER A 146 1.26 -6.93 10.65
N ALA A 147 0.40 -5.92 10.60
CA ALA A 147 0.71 -4.70 11.27
C ALA A 147 0.86 -4.88 12.80
N LYS A 148 0.24 -5.91 13.34
CA LYS A 148 0.30 -6.18 14.76
C LYS A 148 1.69 -6.67 15.09
N THR A 149 2.19 -7.69 14.42
CA THR A 149 3.52 -8.25 14.76
C THR A 149 4.69 -7.66 14.01
N ARG A 150 4.36 -6.83 13.00
CA ARG A 150 5.30 -6.21 12.07
C ARG A 150 5.83 -7.12 11.00
N GLN A 151 5.38 -8.40 10.98
CA GLN A 151 5.83 -9.31 9.93
CA GLN A 151 5.83 -9.29 9.95
C GLN A 151 5.45 -8.76 8.58
N GLY A 152 6.42 -8.80 7.64
CA GLY A 152 6.19 -8.28 6.31
C GLY A 152 6.06 -6.82 6.00
N VAL A 153 6.06 -5.99 7.03
CA VAL A 153 5.78 -4.56 6.84
C VAL A 153 6.88 -3.90 6.02
N ASP A 154 8.15 -4.05 6.44
CA ASP A 154 9.24 -3.48 5.68
C ASP A 154 9.32 -4.10 4.31
N ASP A 155 9.10 -5.40 4.20
CA ASP A 155 9.12 -6.08 2.87
C ASP A 155 8.09 -5.46 1.97
N ALA A 156 6.89 -5.16 2.46
CA ALA A 156 5.88 -4.61 1.59
C ALA A 156 6.30 -3.24 1.06
N PHE A 157 6.73 -2.34 1.96
CA PHE A 157 7.03 -0.97 1.51
C PHE A 157 8.32 -0.99 0.72
N TYR A 158 9.33 -1.75 1.13
CA TYR A 158 10.61 -1.76 0.38
C TYR A 158 10.44 -2.43 -0.98
N THR A 159 9.57 -3.43 -1.07
CA THR A 159 9.29 -4.04 -2.38
C THR A 159 8.66 -3.02 -3.29
N LEU A 160 7.74 -2.21 -2.75
CA LEU A 160 7.11 -1.20 -3.57
C LEU A 160 8.13 -0.21 -4.04
N VAL A 161 9.07 0.21 -3.21
CA VAL A 161 10.16 1.12 -3.70
C VAL A 161 10.92 0.48 -4.84
N ARG A 162 11.26 -0.80 -4.69
CA ARG A 162 11.98 -1.50 -5.74
C ARG A 162 11.17 -1.56 -7.03
N GLU A 163 9.86 -1.71 -6.93
CA GLU A 163 9.00 -1.61 -8.15
C GLU A 163 9.09 -0.25 -8.79
N ILE A 164 9.11 0.78 -7.95
CA ILE A 164 9.18 2.15 -8.51
C ILE A 164 10.52 2.25 -9.22
N ARG A 165 11.60 1.77 -8.64
CA ARG A 165 12.92 1.90 -9.26
CA ARG A 165 12.92 1.84 -9.31
C ARG A 165 13.03 1.18 -10.61
N LYS A 166 12.15 0.22 -10.91
CA LYS A 166 12.13 -0.41 -12.26
C LYS A 166 11.46 0.42 -13.25
N HIS A 167 10.60 1.27 -12.78
CA HIS A 167 9.60 1.80 -13.64
C HIS A 167 10.34 2.56 -14.70
N LYS A 168 9.97 2.36 -15.96
CA LYS A 168 10.54 3.14 -17.08
C LYS A 168 9.78 4.45 -17.36
#